data_6Z5K
#
_entry.id   6Z5K
#
_cell.length_a   118.911
_cell.length_b   118.911
_cell.length_c   115.464
_cell.angle_alpha   90.000
_cell.angle_beta   90.000
_cell.angle_gamma   120.000
#
_symmetry.space_group_name_H-M   'P 65 2 2'
#
loop_
_entity.id
_entity.type
_entity.pdbx_description
1 polymer 'Transcriptional regulator MvfR'
2 non-polymer 6-chloranyl-3-[(2-pentyl-2,3-dihydro-1,3-thiazol-4-yl)methyl]quinazolin-4-one
3 water water
#
_entity_poly.entity_id   1
_entity_poly.type   'polypeptide(L)'
_entity_poly.pdbx_seq_one_letter_code
;MGSSHHHHHHSSGLVPRGSHMASNLRVLLDTAIPPSFCDTVSSVLLDDFNMVSLIRTSPADSLATIKQDNAEIDIAITID
EELKISRFNQCVLGYTKAFVVAHPQHPLCNASLHSIASLANYRQISLGSRSGQHSNLLRPVSDKVLFVENFDDMLRLVEA
GVGWGIAPHYFVEERLRNGTLAVLSELYEPGGIDTKVYCYYNTALESERSFLRFLESARQRLRELGRQRFDDAPAWQPS
;
_entity_poly.pdbx_strand_id   AAA
#
# COMPACT_ATOMS: atom_id res chain seq x y z
N ASN A 24 -23.20 12.28 -3.14
CA ASN A 24 -22.47 10.98 -3.28
C ASN A 24 -20.95 11.22 -3.32
N LEU A 25 -20.21 10.60 -2.40
CA LEU A 25 -18.73 10.66 -2.31
C LEU A 25 -18.14 9.29 -2.65
N ARG A 26 -17.15 9.23 -3.54
CA ARG A 26 -16.47 7.99 -3.98
C ARG A 26 -15.03 8.01 -3.46
N VAL A 27 -14.67 7.04 -2.61
CA VAL A 27 -13.33 6.94 -1.95
C VAL A 27 -12.65 5.64 -2.40
N LEU A 28 -11.42 5.77 -2.93
CA LEU A 28 -10.55 4.64 -3.31
C LEU A 28 -9.58 4.35 -2.16
N LEU A 29 -9.38 3.07 -1.84
CA LEU A 29 -8.43 2.62 -0.80
C LEU A 29 -7.52 1.53 -1.39
N ASP A 30 -6.20 1.66 -1.20
CA ASP A 30 -5.20 0.62 -1.54
C ASP A 30 -5.46 -0.63 -0.71
N THR A 31 -5.20 -1.80 -1.28
CA THR A 31 -5.15 -3.09 -0.54
C THR A 31 -4.01 -3.03 0.49
N ALA A 32 -3.04 -2.14 0.27
CA ALA A 32 -1.88 -1.88 1.16
C ALA A 32 -2.31 -1.12 2.42
N ILE A 33 -3.37 -0.30 2.33
CA ILE A 33 -3.93 0.48 3.47
C ILE A 33 -4.48 -0.50 4.50
N PRO A 34 -3.96 -0.51 5.75
CA PRO A 34 -4.46 -1.42 6.78
C PRO A 34 -5.98 -1.34 6.91
N PRO A 35 -6.63 -2.44 7.34
CA PRO A 35 -8.08 -2.43 7.52
C PRO A 35 -8.49 -1.54 8.71
N SER A 36 -7.58 -1.31 9.67
CA SER A 36 -7.78 -0.34 10.78
C SER A 36 -8.02 1.06 10.18
N PHE A 37 -7.12 1.52 9.29
CA PHE A 37 -7.18 2.85 8.62
C PHE A 37 -8.54 2.96 7.90
N CYS A 38 -8.96 1.90 7.21
CA CYS A 38 -10.25 1.82 6.46
C CYS A 38 -11.43 2.02 7.42
N ASP A 39 -11.33 1.48 8.64
CA ASP A 39 -12.40 1.54 9.68
C ASP A 39 -12.55 2.99 10.14
N THR A 40 -11.43 3.70 10.27
CA THR A 40 -11.34 5.12 10.72
C THR A 40 -11.90 6.05 9.63
N VAL A 41 -11.36 5.95 8.42
CA VAL A 41 -11.80 6.74 7.24
C VAL A 41 -13.33 6.65 7.14
N SER A 42 -13.85 5.44 6.90
CA SER A 42 -15.29 5.13 6.64
C SER A 42 -16.18 5.73 7.73
N SER A 43 -15.87 5.44 8.99
CA SER A 43 -16.57 5.99 10.18
C SER A 43 -16.69 7.51 10.03
N VAL A 44 -15.55 8.20 9.94
CA VAL A 44 -15.41 9.68 10.05
C VAL A 44 -16.22 10.38 8.95
N LEU A 45 -16.32 9.77 7.76
CA LEU A 45 -16.97 10.37 6.56
C LEU A 45 -18.49 10.43 6.76
N LEU A 46 -19.07 9.42 7.43
CA LEU A 46 -20.54 9.25 7.63
C LEU A 46 -21.07 10.34 8.56
N ASP A 47 -20.18 11.01 9.30
CA ASP A 47 -20.51 12.15 10.21
C ASP A 47 -20.95 13.36 9.38
N ASP A 48 -20.46 13.51 8.14
CA ASP A 48 -20.75 14.66 7.24
C ASP A 48 -21.47 14.19 5.97
N PHE A 49 -21.17 13.00 5.46
CA PHE A 49 -21.62 12.52 4.12
C PHE A 49 -22.72 11.46 4.26
N ASN A 50 -23.64 11.46 3.30
CA ASN A 50 -24.91 10.67 3.33
C ASN A 50 -24.77 9.43 2.43
N MET A 51 -24.15 9.56 1.25
CA MET A 51 -23.69 8.40 0.44
C MET A 51 -22.16 8.43 0.33
N VAL A 52 -21.52 7.30 0.65
CA VAL A 52 -20.04 7.14 0.75
C VAL A 52 -19.65 5.77 0.20
N SER A 53 -19.15 5.72 -1.03
CA SER A 53 -18.78 4.49 -1.77
C SER A 53 -17.29 4.19 -1.56
N LEU A 54 -16.97 3.07 -0.90
CA LEU A 54 -15.58 2.59 -0.66
C LEU A 54 -15.19 1.64 -1.80
N ILE A 55 -13.95 1.73 -2.29
CA ILE A 55 -13.44 1.00 -3.50
C ILE A 55 -12.01 0.52 -3.26
N ARG A 56 -11.80 -0.79 -3.12
CA ARG A 56 -10.45 -1.40 -2.98
C ARG A 56 -9.81 -1.49 -4.37
N THR A 57 -8.47 -1.31 -4.41
CA THR A 57 -7.62 -1.28 -5.62
C THR A 57 -6.22 -1.75 -5.23
N SER A 58 -5.55 -2.50 -6.12
CA SER A 58 -4.09 -2.76 -6.04
C SER A 58 -3.39 -1.41 -5.93
N PRO A 59 -2.34 -1.27 -5.08
CA PRO A 59 -1.58 -0.03 -5.03
C PRO A 59 -1.11 0.40 -6.43
N ALA A 60 -0.88 -0.58 -7.32
CA ALA A 60 -0.37 -0.40 -8.70
C ALA A 60 -1.43 0.20 -9.62
N ASP A 61 -2.71 0.12 -9.25
CA ASP A 61 -3.85 0.60 -10.09
C ASP A 61 -4.54 1.83 -9.46
N SER A 62 -4.10 2.25 -8.27
CA SER A 62 -4.71 3.36 -7.49
C SER A 62 -4.76 4.62 -8.36
N LEU A 63 -3.59 5.21 -8.65
CA LEU A 63 -3.48 6.50 -9.37
C LEU A 63 -4.00 6.31 -10.80
N ALA A 64 -3.61 5.21 -11.45
CA ALA A 64 -4.12 4.80 -12.78
C ALA A 64 -5.63 5.03 -12.85
N THR A 65 -6.36 4.62 -11.80
CA THR A 65 -7.85 4.65 -11.71
C THR A 65 -8.37 6.09 -11.66
N ILE A 66 -7.86 6.90 -10.72
CA ILE A 66 -8.40 8.27 -10.44
C ILE A 66 -8.21 9.16 -11.67
N LYS A 67 -7.26 8.82 -12.56
CA LYS A 67 -6.90 9.63 -13.75
C LYS A 67 -7.86 9.34 -14.91
N GLN A 68 -8.54 8.18 -14.89
CA GLN A 68 -9.75 7.95 -15.72
C GLN A 68 -10.85 8.88 -15.19
N ASP A 69 -11.28 9.85 -15.99
CA ASP A 69 -12.21 10.94 -15.59
C ASP A 69 -13.60 10.35 -15.31
N ASN A 70 -14.00 9.33 -16.09
CA ASN A 70 -15.31 8.64 -15.99
C ASN A 70 -15.45 7.95 -14.61
N ALA A 71 -14.35 7.47 -14.03
CA ALA A 71 -14.31 6.74 -12.73
C ALA A 71 -14.74 7.66 -11.59
N GLU A 72 -14.67 8.99 -11.79
CA GLU A 72 -15.27 10.02 -10.90
C GLU A 72 -14.92 9.73 -9.44
N ILE A 73 -13.66 9.40 -9.15
CA ILE A 73 -13.13 9.25 -7.76
C ILE A 73 -12.91 10.66 -7.18
N ASP A 74 -13.30 10.86 -5.92
CA ASP A 74 -13.23 12.16 -5.20
C ASP A 74 -12.04 12.14 -4.24
N ILE A 75 -11.78 10.99 -3.62
CA ILE A 75 -10.66 10.80 -2.66
C ILE A 75 -10.02 9.43 -2.95
N ALA A 76 -8.69 9.38 -2.94
CA ALA A 76 -7.90 8.14 -3.04
C ALA A 76 -6.90 8.11 -1.89
N ILE A 77 -6.96 7.04 -1.08
CA ILE A 77 -5.96 6.75 -0.01
C ILE A 77 -5.09 5.60 -0.51
N THR A 78 -3.83 5.89 -0.83
CA THR A 78 -2.86 4.97 -1.49
C THR A 78 -1.44 5.27 -0.97
N ILE A 79 -0.54 4.28 -1.04
CA ILE A 79 0.89 4.41 -0.63
C ILE A 79 1.71 4.95 -1.81
N ASP A 80 1.18 4.80 -3.02
CA ASP A 80 1.88 5.14 -4.29
C ASP A 80 2.00 6.66 -4.38
N GLU A 81 3.08 7.14 -5.01
CA GLU A 81 3.47 8.57 -5.08
C GLU A 81 3.68 8.96 -6.54
N GLU A 82 3.03 10.06 -6.94
CA GLU A 82 3.14 10.73 -8.26
C GLU A 82 3.01 12.22 -7.99
N LEU A 83 3.93 13.04 -8.52
CA LEU A 83 4.15 14.43 -8.07
C LEU A 83 2.83 15.22 -8.16
N LYS A 84 2.38 15.56 -9.36
CA LYS A 84 1.14 16.36 -9.58
C LYS A 84 0.25 15.62 -10.58
N ILE A 85 -1.07 15.62 -10.33
CA ILE A 85 -2.10 14.95 -11.18
C ILE A 85 -3.19 15.97 -11.51
N SER A 86 -3.74 15.92 -12.73
CA SER A 86 -4.89 16.73 -13.18
C SER A 86 -6.04 16.59 -12.17
N ARG A 87 -6.59 17.72 -11.71
CA ARG A 87 -7.85 17.81 -10.93
C ARG A 87 -7.60 17.54 -9.43
N PHE A 88 -6.43 17.00 -9.07
CA PHE A 88 -6.17 16.40 -7.72
C PHE A 88 -5.05 17.15 -7.00
N ASN A 89 -5.12 17.16 -5.66
CA ASN A 89 -4.07 17.63 -4.72
C ASN A 89 -3.66 16.45 -3.83
N GLN A 90 -2.43 16.47 -3.31
CA GLN A 90 -1.83 15.40 -2.47
C GLN A 90 -1.73 15.92 -1.02
N CYS A 91 -1.69 15.00 -0.06
CA CYS A 91 -1.34 15.27 1.37
C CYS A 91 -1.14 13.94 2.11
N VAL A 92 -0.54 13.99 3.30
CA VAL A 92 -0.08 12.79 4.06
C VAL A 92 -1.06 12.52 5.21
N LEU A 93 -1.83 11.43 5.12
CA LEU A 93 -2.76 10.97 6.19
C LEU A 93 -1.96 10.39 7.35
N GLY A 94 -0.91 9.63 7.06
CA GLY A 94 -0.06 8.99 8.06
C GLY A 94 0.93 8.02 7.45
N TYR A 95 1.37 7.05 8.26
CA TYR A 95 2.48 6.12 7.96
C TYR A 95 2.00 4.68 8.24
N THR A 96 2.49 3.74 7.44
CA THR A 96 2.21 2.28 7.57
C THR A 96 3.51 1.52 7.27
N LYS A 97 3.61 0.27 7.72
CA LYS A 97 4.84 -0.55 7.62
C LYS A 97 4.68 -1.59 6.51
N ALA A 98 5.81 -2.05 5.98
CA ALA A 98 5.92 -3.07 4.92
C ALA A 98 7.21 -3.86 5.15
N PHE A 99 7.16 -5.17 4.93
CA PHE A 99 8.33 -6.07 5.11
C PHE A 99 8.58 -6.82 3.80
N VAL A 100 9.87 -7.04 3.50
CA VAL A 100 10.34 -7.97 2.45
C VAL A 100 10.34 -9.36 3.09
N VAL A 101 9.52 -10.28 2.56
CA VAL A 101 9.25 -11.60 3.18
C VAL A 101 9.62 -12.71 2.19
N ALA A 102 10.07 -13.86 2.73
CA ALA A 102 10.42 -15.09 2.00
C ALA A 102 10.03 -16.32 2.83
N HIS A 103 9.95 -17.49 2.19
CA HIS A 103 9.87 -18.81 2.89
C HIS A 103 11.04 -18.89 3.87
N PRO A 104 10.83 -19.29 5.14
CA PRO A 104 11.93 -19.35 6.11
C PRO A 104 13.13 -20.17 5.60
N GLN A 105 12.89 -21.11 4.68
CA GLN A 105 13.93 -22.01 4.11
C GLN A 105 14.56 -21.37 2.87
N HIS A 106 14.13 -20.15 2.51
CA HIS A 106 14.65 -19.38 1.33
C HIS A 106 16.15 -19.20 1.49
N PRO A 107 16.95 -19.29 0.40
CA PRO A 107 18.40 -19.14 0.49
C PRO A 107 18.90 -17.92 1.28
N LEU A 108 18.16 -16.81 1.22
CA LEU A 108 18.55 -15.50 1.82
C LEU A 108 18.04 -15.40 3.26
N CYS A 109 17.46 -16.47 3.81
CA CYS A 109 16.89 -16.57 5.19
C CYS A 109 17.82 -15.94 6.23
N ASN A 110 19.14 -16.14 6.07
CA ASN A 110 20.20 -15.59 6.97
C ASN A 110 20.09 -14.05 7.02
N ALA A 111 19.58 -13.44 5.94
CA ALA A 111 19.26 -11.99 5.83
C ALA A 111 20.52 -11.15 6.00
N SER A 112 21.67 -11.69 5.59
CA SER A 112 23.01 -11.03 5.66
C SER A 112 23.00 -9.79 4.74
N LEU A 113 24.01 -8.94 4.87
CA LEU A 113 24.09 -7.63 4.15
C LEU A 113 24.36 -7.85 2.66
N HIS A 114 25.02 -8.96 2.31
CA HIS A 114 25.25 -9.42 0.90
C HIS A 114 23.93 -9.91 0.31
N SER A 115 23.08 -10.57 1.13
CA SER A 115 21.75 -11.10 0.74
C SER A 115 20.81 -9.96 0.32
N ILE A 116 20.99 -8.76 0.90
CA ILE A 116 20.18 -7.53 0.62
C ILE A 116 20.50 -7.04 -0.80
N ALA A 117 21.78 -7.09 -1.20
CA ALA A 117 22.25 -6.75 -2.56
C ALA A 117 21.79 -7.83 -3.56
N SER A 118 21.74 -9.09 -3.11
CA SER A 118 21.45 -10.29 -3.94
C SER A 118 19.94 -10.49 -4.14
N LEU A 119 19.09 -9.62 -3.56
CA LEU A 119 17.63 -9.64 -3.80
C LEU A 119 17.35 -9.36 -5.28
N ALA A 120 18.19 -8.56 -5.93
CA ALA A 120 18.10 -8.20 -7.37
C ALA A 120 18.42 -9.42 -8.25
N ASN A 121 18.98 -10.49 -7.66
CA ASN A 121 19.34 -11.76 -8.35
C ASN A 121 18.18 -12.76 -8.27
N TYR A 122 17.46 -12.79 -7.14
CA TYR A 122 16.46 -13.84 -6.78
C TYR A 122 15.08 -13.43 -7.30
N ARG A 123 14.21 -14.42 -7.54
CA ARG A 123 12.84 -14.22 -8.07
C ARG A 123 12.06 -13.37 -7.06
N GLN A 124 11.55 -12.21 -7.52
CA GLN A 124 10.62 -11.33 -6.77
C GLN A 124 9.19 -11.58 -7.24
N ILE A 125 8.25 -11.67 -6.29
CA ILE A 125 6.78 -11.78 -6.59
C ILE A 125 6.18 -10.38 -6.43
N SER A 126 6.21 -9.61 -7.51
CA SER A 126 5.82 -8.17 -7.53
C SER A 126 4.33 -8.04 -7.89
N LEU A 127 3.68 -6.95 -7.45
CA LEU A 127 2.30 -6.58 -7.87
C LEU A 127 2.33 -6.13 -9.33
N GLY A 128 1.32 -6.54 -10.11
CA GLY A 128 1.16 -6.18 -11.53
C GLY A 128 0.29 -4.96 -11.71
N SER A 129 0.57 -4.17 -12.76
CA SER A 129 -0.20 -2.95 -13.16
C SER A 129 -1.06 -3.29 -14.38
N ARG A 130 -2.37 -3.07 -14.30
CA ARG A 130 -3.29 -3.15 -15.46
C ARG A 130 -2.77 -2.26 -16.61
N SER A 131 -2.10 -1.16 -16.29
CA SER A 131 -1.50 -0.21 -17.27
C SER A 131 -0.15 -0.74 -17.78
N GLY A 132 0.35 -1.85 -17.22
CA GLY A 132 1.67 -2.42 -17.55
C GLY A 132 2.81 -1.60 -16.97
N GLN A 133 2.53 -0.35 -16.57
CA GLN A 133 3.52 0.64 -16.06
C GLN A 133 3.47 0.64 -14.52
N HIS A 134 4.64 0.84 -13.88
CA HIS A 134 4.79 0.98 -12.41
C HIS A 134 5.45 2.33 -12.08
N SER A 135 5.15 2.89 -10.91
CA SER A 135 5.89 4.04 -10.33
C SER A 135 7.26 3.55 -9.84
N ASN A 136 8.18 4.46 -9.55
CA ASN A 136 9.52 4.14 -9.00
C ASN A 136 9.35 3.28 -7.75
N LEU A 137 8.36 3.62 -6.91
CA LEU A 137 8.10 2.98 -5.59
C LEU A 137 7.74 1.50 -5.80
N LEU A 138 6.80 1.21 -6.69
CA LEU A 138 6.15 -0.13 -6.80
C LEU A 138 6.75 -0.94 -7.96
N ARG A 139 7.63 -0.34 -8.77
CA ARG A 139 8.39 -1.06 -9.83
C ARG A 139 9.25 -2.13 -9.17
N PRO A 140 9.28 -3.38 -9.68
CA PRO A 140 10.12 -4.43 -9.09
C PRO A 140 11.61 -4.11 -9.18
N VAL A 141 12.42 -4.74 -8.32
CA VAL A 141 13.87 -4.45 -8.15
C VAL A 141 14.70 -5.48 -8.93
N SER A 142 14.33 -6.76 -8.91
CA SER A 142 15.07 -7.88 -9.54
C SER A 142 14.60 -8.07 -11.00
N ASP A 143 15.40 -8.79 -11.78
CA ASP A 143 15.13 -9.10 -13.21
C ASP A 143 14.24 -10.35 -13.29
N LYS A 144 14.41 -11.27 -12.34
CA LYS A 144 13.49 -12.42 -12.15
C LYS A 144 12.26 -11.93 -11.38
N VAL A 145 11.22 -11.53 -12.11
CA VAL A 145 9.93 -11.00 -11.55
C VAL A 145 8.77 -11.88 -11.99
N LEU A 146 7.89 -12.23 -11.06
CA LEU A 146 6.61 -12.95 -11.32
C LEU A 146 5.46 -12.08 -10.79
N PHE A 147 4.72 -11.41 -11.69
CA PHE A 147 3.68 -10.43 -11.35
C PHE A 147 2.42 -11.14 -10.84
N VAL A 148 1.71 -10.50 -9.90
CA VAL A 148 0.40 -10.96 -9.35
C VAL A 148 -0.53 -9.75 -9.25
N GLU A 149 -1.81 -9.97 -8.94
CA GLU A 149 -2.86 -8.91 -8.87
C GLU A 149 -2.98 -8.39 -7.43
N ASN A 150 -2.76 -9.24 -6.42
CA ASN A 150 -3.00 -8.90 -4.99
C ASN A 150 -1.96 -9.57 -4.09
N PHE A 151 -1.94 -9.16 -2.82
CA PHE A 151 -0.98 -9.60 -1.78
C PHE A 151 -1.24 -11.06 -1.39
N ASP A 152 -2.49 -11.52 -1.49
CA ASP A 152 -2.86 -12.93 -1.19
C ASP A 152 -2.09 -13.86 -2.15
N ASP A 153 -2.20 -13.60 -3.46
CA ASP A 153 -1.46 -14.32 -4.53
C ASP A 153 0.05 -14.21 -4.26
N MET A 154 0.54 -13.01 -3.95
CA MET A 154 1.97 -12.77 -3.66
C MET A 154 2.44 -13.76 -2.57
N LEU A 155 1.75 -13.80 -1.44
CA LEU A 155 2.20 -14.51 -0.21
C LEU A 155 1.99 -16.02 -0.37
N ARG A 156 1.01 -16.45 -1.17
CA ARG A 156 0.81 -17.87 -1.53
C ARG A 156 2.10 -18.39 -2.18
N LEU A 157 2.57 -17.69 -3.21
CA LEU A 157 3.80 -18.01 -3.99
C LEU A 157 5.05 -17.89 -3.09
N VAL A 158 5.06 -16.93 -2.16
CA VAL A 158 6.23 -16.66 -1.28
C VAL A 158 6.31 -17.78 -0.23
N GLU A 159 5.16 -18.26 0.26
CA GLU A 159 5.06 -19.41 1.20
C GLU A 159 5.57 -20.68 0.54
N ALA A 160 5.36 -20.81 -0.79
CA ALA A 160 5.85 -21.93 -1.63
C ALA A 160 7.32 -21.72 -2.00
N GLY A 161 7.96 -20.66 -1.49
CA GLY A 161 9.39 -20.36 -1.68
C GLY A 161 9.72 -20.05 -3.14
N VAL A 162 8.70 -19.78 -3.96
CA VAL A 162 8.85 -19.49 -5.42
C VAL A 162 9.70 -18.22 -5.58
N GLY A 163 9.56 -17.30 -4.62
CA GLY A 163 10.41 -16.09 -4.52
C GLY A 163 10.22 -15.37 -3.20
N TRP A 164 10.65 -14.10 -3.16
CA TRP A 164 10.43 -13.13 -2.06
C TRP A 164 9.49 -12.03 -2.55
N GLY A 165 8.93 -11.24 -1.64
CA GLY A 165 8.00 -10.14 -1.98
C GLY A 165 7.98 -9.07 -0.90
N ILE A 166 7.46 -7.89 -1.25
CA ILE A 166 7.25 -6.74 -0.32
C ILE A 166 5.74 -6.59 -0.10
N ALA A 167 5.26 -6.88 1.11
CA ALA A 167 3.83 -6.85 1.49
C ALA A 167 3.62 -5.99 2.73
N PRO A 168 2.38 -5.50 2.97
CA PRO A 168 2.06 -4.72 4.17
C PRO A 168 2.28 -5.51 5.48
N HIS A 169 2.33 -4.80 6.61
CA HIS A 169 2.54 -5.39 7.96
C HIS A 169 1.35 -6.29 8.30
N TYR A 170 0.13 -5.76 8.22
CA TYR A 170 -1.12 -6.40 8.69
C TYR A 170 -1.34 -7.72 7.94
N PHE A 171 -0.87 -7.81 6.70
CA PHE A 171 -1.01 -8.99 5.80
C PHE A 171 -0.10 -10.14 6.25
N VAL A 172 1.02 -9.84 6.93
CA VAL A 172 2.07 -10.84 7.26
C VAL A 172 2.29 -10.97 8.76
N GLU A 173 1.66 -10.13 9.60
CA GLU A 173 1.82 -10.21 11.09
C GLU A 173 1.49 -11.64 11.52
N GLU A 174 0.33 -12.14 11.08
CA GLU A 174 -0.18 -13.52 11.33
C GLU A 174 0.94 -14.53 11.10
N ARG A 175 1.41 -14.64 9.85
CA ARG A 175 2.33 -15.70 9.35
C ARG A 175 3.72 -15.62 9.97
N LEU A 176 4.20 -14.43 10.36
CA LEU A 176 5.57 -14.23 10.87
C LEU A 176 5.71 -14.90 12.24
N ARG A 177 4.73 -14.67 13.13
CA ARG A 177 4.66 -15.28 14.49
C ARG A 177 4.52 -16.80 14.34
N ASN A 178 3.62 -17.24 13.45
CA ASN A 178 3.38 -18.67 13.12
C ASN A 178 4.63 -19.30 12.49
N GLY A 179 5.59 -18.48 12.05
CA GLY A 179 6.88 -18.96 11.51
C GLY A 179 6.78 -19.47 10.08
N THR A 180 5.59 -19.36 9.46
CA THR A 180 5.32 -19.80 8.07
C THR A 180 6.06 -18.89 7.08
N LEU A 181 6.48 -17.70 7.55
CA LEU A 181 7.21 -16.65 6.76
C LEU A 181 8.36 -16.07 7.58
N ALA A 182 9.41 -15.61 6.90
CA ALA A 182 10.59 -14.93 7.47
C ALA A 182 10.77 -13.54 6.84
N VAL A 183 11.43 -12.62 7.56
CA VAL A 183 11.71 -11.21 7.14
C VAL A 183 13.13 -11.11 6.59
N LEU A 184 13.35 -10.22 5.61
CA LEU A 184 14.68 -9.98 4.97
C LEU A 184 15.12 -8.52 5.16
N SER A 185 14.23 -7.65 5.64
CA SER A 185 14.28 -6.18 5.43
C SER A 185 15.02 -5.45 6.57
N GLU A 186 15.35 -6.16 7.66
CA GLU A 186 15.71 -5.50 8.94
C GLU A 186 17.02 -4.70 8.78
N LEU A 187 17.98 -5.19 8.00
CA LEU A 187 19.27 -4.49 7.75
C LEU A 187 19.05 -3.29 6.83
N TYR A 188 18.08 -3.37 5.91
CA TYR A 188 17.72 -2.25 5.01
C TYR A 188 17.06 -1.15 5.85
N GLU A 189 15.99 -1.51 6.56
CA GLU A 189 15.23 -0.60 7.46
C GLU A 189 14.76 -1.41 8.66
N PRO A 190 15.44 -1.28 9.83
CA PRO A 190 14.98 -1.91 11.06
C PRO A 190 13.58 -1.41 11.43
N GLY A 191 12.74 -2.30 11.99
CA GLY A 191 11.35 -2.03 12.36
C GLY A 191 10.39 -2.24 11.21
N GLY A 192 10.91 -2.48 10.00
CA GLY A 192 10.12 -2.54 8.75
C GLY A 192 10.19 -1.23 8.00
N ILE A 193 9.73 -1.23 6.74
CA ILE A 193 9.91 -0.12 5.76
C ILE A 193 8.76 0.88 5.92
N ASP A 194 9.03 2.03 6.55
CA ASP A 194 8.03 3.12 6.76
C ASP A 194 7.57 3.62 5.39
N THR A 195 6.27 3.86 5.25
CA THR A 195 5.57 4.15 3.98
C THR A 195 4.49 5.20 4.22
N LYS A 196 4.61 6.36 3.59
CA LYS A 196 3.58 7.44 3.71
C LYS A 196 2.30 6.95 3.05
N VAL A 197 1.18 7.03 3.79
CA VAL A 197 -0.20 6.89 3.25
C VAL A 197 -0.64 8.27 2.76
N TYR A 198 -0.76 8.45 1.45
CA TYR A 198 -1.13 9.74 0.82
C TYR A 198 -2.64 9.80 0.68
N CYS A 199 -3.19 11.01 0.71
CA CYS A 199 -4.61 11.33 0.42
C CYS A 199 -4.66 12.24 -0.82
N TYR A 200 -4.96 11.66 -1.98
CA TYR A 200 -5.25 12.40 -3.24
C TYR A 200 -6.74 12.76 -3.24
N TYR A 201 -7.05 14.05 -3.15
CA TYR A 201 -8.44 14.58 -3.08
C TYR A 201 -8.67 15.51 -4.27
N ASN A 202 -9.82 15.37 -4.94
CA ASN A 202 -10.29 16.26 -6.02
C ASN A 202 -10.15 17.71 -5.54
N THR A 203 -9.54 18.57 -6.37
CA THR A 203 -9.17 19.98 -6.04
C THR A 203 -10.40 20.71 -5.47
N ALA A 204 -11.58 20.40 -5.99
CA ALA A 204 -12.90 20.96 -5.59
C ALA A 204 -13.04 21.01 -4.06
N LEU A 205 -12.63 19.94 -3.36
CA LEU A 205 -12.93 19.70 -1.93
C LEU A 205 -12.09 20.60 -1.02
N GLU A 206 -11.05 21.27 -1.54
CA GLU A 206 -10.05 22.01 -0.72
C GLU A 206 -10.76 23.10 0.10
N SER A 207 -11.76 23.77 -0.47
CA SER A 207 -12.54 24.86 0.18
C SER A 207 -13.53 24.28 1.21
N GLU A 208 -14.22 23.19 0.85
CA GLU A 208 -15.31 22.58 1.65
C GLU A 208 -14.77 22.07 2.99
N ARG A 209 -15.38 22.50 4.10
CA ARG A 209 -14.93 22.20 5.48
C ARG A 209 -15.32 20.77 5.86
N SER A 210 -16.29 20.17 5.16
CA SER A 210 -16.67 18.73 5.29
C SER A 210 -15.40 17.88 5.25
N PHE A 211 -14.54 18.16 4.26
CA PHE A 211 -13.27 17.43 3.99
C PHE A 211 -12.24 17.74 5.07
N LEU A 212 -12.06 19.02 5.41
CA LEU A 212 -11.08 19.48 6.44
C LEU A 212 -11.35 18.76 7.76
N ARG A 213 -12.63 18.63 8.15
CA ARG A 213 -13.06 17.84 9.34
C ARG A 213 -12.48 16.44 9.21
N PHE A 214 -12.85 15.73 8.13
CA PHE A 214 -12.44 14.34 7.82
C PHE A 214 -10.92 14.18 7.99
N LEU A 215 -10.16 15.13 7.43
CA LEU A 215 -8.68 15.06 7.32
C LEU A 215 -8.08 15.05 8.74
N GLU A 216 -8.36 16.09 9.54
CA GLU A 216 -7.87 16.23 10.93
C GLU A 216 -8.32 15.00 11.73
N SER A 217 -9.63 14.71 11.69
CA SER A 217 -10.29 13.58 12.41
C SER A 217 -9.58 12.26 12.11
N ALA A 218 -9.46 11.90 10.82
CA ALA A 218 -8.79 10.67 10.34
C ALA A 218 -7.33 10.67 10.79
N ARG A 219 -6.60 11.77 10.56
CA ARG A 219 -5.18 11.93 10.98
C ARG A 219 -5.08 11.71 12.49
N GLN A 220 -5.92 12.40 13.26
CA GLN A 220 -5.89 12.46 14.75
C GLN A 220 -6.17 11.07 15.35
N ARG A 221 -6.98 10.27 14.65
CA ARG A 221 -7.32 8.87 15.05
C ARG A 221 -6.18 7.93 14.61
N LEU A 222 -5.72 8.04 13.37
CA LEU A 222 -4.59 7.24 12.80
C LEU A 222 -3.31 7.51 13.61
N ARG A 223 -3.18 8.71 14.18
CA ARG A 223 -2.05 9.11 15.07
C ARG A 223 -2.14 8.33 16.39
N GLU A 224 -3.36 8.15 16.91
CA GLU A 224 -3.63 7.45 18.20
C GLU A 224 -3.39 5.94 18.05
N LEU A 225 -3.52 5.39 16.82
CA LEU A 225 -3.11 4.00 16.50
C LEU A 225 -1.59 3.88 16.58
N GLY A 226 -0.86 4.83 15.98
CA GLY A 226 0.62 4.82 15.85
C GLY A 226 1.33 4.67 17.18
#